data_2CCO
#
_entry.id   2CCO
#
_cell.length_a   1.000
_cell.length_b   1.000
_cell.length_c   1.000
_cell.angle_alpha   90.00
_cell.angle_beta   90.00
_cell.angle_gamma   90.00
#
_symmetry.space_group_name_H-M   'P 1'
#
_entity_poly.entity_id   1
_entity_poly.type   'polypeptide(L)'
_entity_poly.pdbx_seq_one_letter_code
;CKS(HYP)GSSCS(HYP)TSYNCCRSCN(HYP)YTKRCY(NH2)
;
_entity_poly.pdbx_strand_id   A
#
# COMPACT_ATOMS: atom_id res chain seq x y z
N CYS A 1 -8.34 -4.42 4.31
CA CYS A 1 -7.13 -3.67 3.87
C CYS A 1 -6.27 -4.58 2.98
N LYS A 2 -5.13 -4.07 2.60
CA LYS A 2 -4.19 -4.84 1.72
C LYS A 2 -2.84 -5.18 2.33
N SER A 3 -2.24 -6.11 1.66
CA SER A 3 -0.92 -6.66 2.00
C SER A 3 0.13 -5.82 1.27
N GLY A 5 2.83 -5.13 -1.37
CA GLY A 5 2.85 -5.68 -2.75
C GLY A 5 1.55 -5.30 -3.43
N SER A 6 0.50 -5.17 -2.64
CA SER A 6 -0.83 -4.79 -3.22
C SER A 6 -0.45 -3.41 -3.75
N SER A 7 -1.09 -2.88 -4.75
CA SER A 7 -0.67 -1.54 -5.24
C SER A 7 -1.44 -0.44 -4.53
N CYS A 8 -0.71 0.53 -4.09
CA CYS A 8 -1.33 1.67 -3.35
C CYS A 8 -1.09 3.07 -3.94
N SER A 9 -1.65 3.97 -3.20
CA SER A 9 -1.63 5.44 -3.44
C SER A 9 -0.88 5.84 -2.15
N THR A 11 -1.25 7.42 0.16
CA THR A 11 -2.21 7.31 1.27
C THR A 11 -3.47 6.58 0.79
N SER A 12 -3.38 5.41 0.18
CA SER A 12 -4.66 4.76 -0.26
C SER A 12 -5.64 4.54 0.91
N TYR A 13 -5.07 4.34 2.08
CA TYR A 13 -5.83 4.10 3.35
C TYR A 13 -6.43 2.73 3.14
N ASN A 14 -5.74 2.00 2.29
CA ASN A 14 -6.16 0.63 1.95
C ASN A 14 -5.09 -0.42 2.22
N CYS A 15 -3.98 0.00 2.78
CA CYS A 15 -2.88 -0.97 3.07
C CYS A 15 -2.87 -1.18 4.57
N CYS A 16 -2.81 -2.43 4.95
CA CYS A 16 -2.81 -2.75 6.42
C CYS A 16 -1.59 -2.19 7.17
N ARG A 17 -0.62 -1.69 6.43
CA ARG A 17 0.63 -1.12 7.02
C ARG A 17 1.01 0.29 6.57
N SER A 18 0.92 0.51 5.28
CA SER A 18 1.24 1.81 4.60
C SER A 18 1.54 1.46 3.13
N CYS A 19 1.95 2.43 2.38
CA CYS A 19 2.29 2.24 0.92
C CYS A 19 3.79 2.30 0.69
N ASN A 20 4.24 1.90 -0.47
CA ASN A 20 5.68 1.92 -0.79
C ASN A 20 5.88 2.85 -1.95
N TYR A 22 7.84 3.78 -3.82
CA TYR A 22 8.80 3.53 -4.93
C TYR A 22 8.54 2.29 -5.73
N THR A 23 7.36 1.82 -5.50
CA THR A 23 6.87 0.61 -6.18
C THR A 23 5.39 0.96 -6.38
N LYS A 24 4.87 1.47 -5.28
CA LYS A 24 3.45 1.90 -5.15
C LYS A 24 2.75 0.61 -4.81
N ARG A 25 3.40 -0.08 -3.92
CA ARG A 25 2.89 -1.37 -3.42
C ARG A 25 2.70 -1.07 -1.96
N CYS A 26 1.85 -1.77 -1.28
CA CYS A 26 1.69 -1.47 0.14
C CYS A 26 3.10 -1.77 0.69
N TYR A 27 3.50 -1.03 1.68
CA TYR A 27 4.85 -1.22 2.29
C TYR A 27 5.00 -2.63 2.81
N CYS A 1 -8.23 -4.48 4.34
CA CYS A 1 -7.01 -3.74 3.90
C CYS A 1 -6.18 -4.62 2.96
N LYS A 2 -5.08 -4.08 2.52
CA LYS A 2 -4.16 -4.80 1.61
C LYS A 2 -2.80 -5.14 2.20
N SER A 3 -2.22 -6.17 1.66
CA SER A 3 -0.91 -6.66 2.09
C SER A 3 0.15 -5.97 1.19
N GLY A 5 2.76 -5.24 -1.52
CA GLY A 5 2.78 -5.77 -2.91
C GLY A 5 1.44 -5.46 -3.54
N SER A 6 0.48 -5.18 -2.71
CA SER A 6 -0.86 -4.82 -3.25
C SER A 6 -0.47 -3.44 -3.78
N SER A 7 -1.12 -2.92 -4.78
CA SER A 7 -0.73 -1.58 -5.30
C SER A 7 -1.49 -0.48 -4.60
N CYS A 8 -0.76 0.50 -4.16
CA CYS A 8 -1.38 1.66 -3.44
C CYS A 8 -1.13 3.02 -4.09
N SER A 9 -1.56 3.96 -3.32
CA SER A 9 -1.52 5.42 -3.53
C SER A 9 -0.81 5.75 -2.21
N THR A 11 -1.21 7.43 0.05
CA THR A 11 -2.26 7.51 1.09
C THR A 11 -3.53 6.70 0.73
N SER A 12 -3.41 5.56 0.07
CA SER A 12 -4.66 4.79 -0.27
C SER A 12 -5.61 4.58 0.90
N TYR A 13 -5.03 4.43 2.07
CA TYR A 13 -5.80 4.21 3.33
C TYR A 13 -6.38 2.81 3.13
N ASN A 14 -5.63 2.08 2.33
CA ASN A 14 -6.03 0.69 2.00
C ASN A 14 -4.93 -0.36 2.28
N CYS A 15 -3.84 0.04 2.88
CA CYS A 15 -2.77 -0.97 3.15
C CYS A 15 -2.76 -1.19 4.65
N CYS A 16 -2.77 -2.45 4.99
CA CYS A 16 -2.77 -2.81 6.45
C CYS A 16 -1.62 -2.15 7.25
N ARG A 17 -0.64 -1.69 6.53
CA ARG A 17 0.55 -1.02 7.13
C ARG A 17 0.81 0.42 6.63
N SER A 18 1.01 0.52 5.34
CA SER A 18 1.29 1.81 4.63
C SER A 18 1.56 1.51 3.16
N CYS A 19 1.86 2.53 2.39
CA CYS A 19 2.14 2.34 0.94
C CYS A 19 3.64 2.45 0.70
N ASN A 20 4.12 2.02 -0.42
CA ASN A 20 5.57 2.11 -0.70
C ASN A 20 5.82 3.03 -1.88
N TYR A 22 7.86 3.88 -3.75
CA TYR A 22 8.77 3.54 -4.90
C TYR A 22 8.44 2.29 -5.66
N THR A 23 7.30 1.80 -5.36
CA THR A 23 6.78 0.57 -6.01
C THR A 23 5.31 0.87 -6.17
N LYS A 24 4.81 1.51 -5.14
CA LYS A 24 3.39 1.93 -5.05
C LYS A 24 2.69 0.64 -4.75
N ARG A 25 3.33 -0.04 -3.86
CA ARG A 25 2.85 -1.34 -3.39
C ARG A 25 2.70 -1.08 -1.92
N CYS A 26 1.84 -1.79 -1.26
CA CYS A 26 1.70 -1.53 0.18
C CYS A 26 3.11 -1.86 0.71
N TYR A 27 3.53 -1.12 1.71
CA TYR A 27 4.87 -1.33 2.29
C TYR A 27 5.04 -2.77 2.76
N CYS A 1 -8.21 -4.63 4.36
CA CYS A 1 -7.04 -3.85 3.88
C CYS A 1 -6.14 -4.75 3.02
N LYS A 2 -5.07 -4.17 2.55
CA LYS A 2 -4.10 -4.91 1.70
C LYS A 2 -2.77 -5.24 2.35
N SER A 3 -2.17 -6.27 1.80
CA SER A 3 -0.86 -6.74 2.26
C SER A 3 0.12 -5.97 1.36
N GLY A 5 2.80 -5.21 -1.40
CA GLY A 5 2.84 -5.74 -2.79
C GLY A 5 1.55 -5.41 -3.49
N SER A 6 0.53 -5.20 -2.69
CA SER A 6 -0.80 -4.85 -3.29
C SER A 6 -0.45 -3.45 -3.80
N SER A 7 -1.15 -2.92 -4.73
CA SER A 7 -0.81 -1.56 -5.26
C SER A 7 -1.51 -0.45 -4.50
N CYS A 8 -0.75 0.52 -4.07
CA CYS A 8 -1.32 1.68 -3.31
C CYS A 8 -1.12 3.03 -4.00
N SER A 9 -1.54 3.97 -3.21
CA SER A 9 -1.52 5.43 -3.45
C SER A 9 -0.79 5.76 -2.14
N THR A 11 -1.02 7.54 0.03
CA THR A 11 -2.12 7.73 0.99
C THR A 11 -3.39 7.00 0.49
N SER A 12 -3.30 5.72 0.15
CA SER A 12 -4.56 5.06 -0.32
C SER A 12 -5.51 4.82 0.84
N TYR A 13 -4.92 4.43 1.95
CA TYR A 13 -5.63 4.12 3.23
C TYR A 13 -6.23 2.75 2.99
N ASN A 14 -5.58 2.05 2.09
CA ASN A 14 -6.00 0.68 1.72
C ASN A 14 -4.97 -0.39 2.11
N CYS A 15 -3.90 0.00 2.76
CA CYS A 15 -2.88 -1.01 3.15
C CYS A 15 -2.89 -1.24 4.65
N CYS A 16 -2.74 -2.48 5.02
CA CYS A 16 -2.75 -2.80 6.49
C CYS A 16 -1.51 -2.23 7.22
N ARG A 17 -0.57 -1.75 6.45
CA ARG A 17 0.70 -1.19 7.02
C ARG A 17 1.00 0.26 6.63
N SER A 18 0.94 0.49 5.34
CA SER A 18 1.19 1.81 4.67
C SER A 18 1.47 1.49 3.20
N CYS A 19 1.81 2.49 2.44
CA CYS A 19 2.11 2.31 0.98
C CYS A 19 3.61 2.29 0.74
N ASN A 20 4.04 1.93 -0.44
CA ASN A 20 5.47 1.90 -0.78
C ASN A 20 5.68 2.87 -1.91
N TYR A 22 7.68 3.83 -3.68
CA TYR A 22 8.69 3.57 -4.75
C TYR A 22 8.40 2.42 -5.65
N THR A 23 7.25 1.90 -5.43
CA THR A 23 6.76 0.75 -6.23
C THR A 23 5.29 1.07 -6.41
N LYS A 24 4.76 1.54 -5.31
CA LYS A 24 3.33 1.94 -5.15
C LYS A 24 2.65 0.63 -4.80
N ARG A 25 3.34 -0.05 -3.94
CA ARG A 25 2.84 -1.36 -3.45
C ARG A 25 2.65 -1.08 -1.98
N CYS A 26 1.79 -1.80 -1.32
CA CYS A 26 1.62 -1.51 0.12
C CYS A 26 3.02 -1.80 0.69
N TYR A 27 3.40 -1.03 1.66
CA TYR A 27 4.72 -1.16 2.31
C TYR A 27 4.97 -2.57 2.79
N CYS A 1 -8.56 -4.40 3.87
CA CYS A 1 -7.30 -3.66 3.61
C CYS A 1 -6.39 -4.56 2.77
N LYS A 2 -5.24 -4.04 2.47
CA LYS A 2 -4.25 -4.80 1.66
C LYS A 2 -2.89 -5.02 2.32
N SER A 3 -2.23 -6.06 1.92
CA SER A 3 -0.90 -6.41 2.44
C SER A 3 0.12 -5.72 1.53
N GLY A 5 2.92 -5.09 -1.25
CA GLY A 5 2.93 -5.62 -2.64
C GLY A 5 1.66 -5.22 -3.35
N SER A 6 0.60 -5.16 -2.58
CA SER A 6 -0.74 -4.78 -3.12
C SER A 6 -0.43 -3.42 -3.67
N SER A 7 -1.08 -3.01 -4.71
CA SER A 7 -0.75 -1.66 -5.27
C SER A 7 -1.50 -0.55 -4.58
N CYS A 8 -0.77 0.43 -4.10
CA CYS A 8 -1.42 1.58 -3.38
C CYS A 8 -1.09 2.94 -4.02
N SER A 9 -1.32 3.91 -3.19
CA SER A 9 -1.12 5.35 -3.41
C SER A 9 -0.55 5.73 -2.05
N THR A 11 -1.08 7.36 0.18
CA THR A 11 -2.14 7.33 1.20
C THR A 11 -3.35 6.52 0.66
N SER A 12 -3.15 5.28 0.26
CA SER A 12 -4.33 4.51 -0.26
C SER A 12 -5.40 4.48 0.82
N TYR A 13 -4.90 4.32 2.02
CA TYR A 13 -5.72 4.24 3.26
C TYR A 13 -6.37 2.89 3.11
N ASN A 14 -5.75 2.06 2.29
CA ASN A 14 -6.28 0.71 2.03
C ASN A 14 -5.20 -0.36 2.17
N CYS A 15 -4.13 0.01 2.84
CA CYS A 15 -2.98 -0.93 3.06
C CYS A 15 -2.77 -1.18 4.54
N CYS A 16 -2.86 -2.40 4.98
CA CYS A 16 -2.64 -2.63 6.46
C CYS A 16 -1.17 -2.55 6.93
N ARG A 17 -0.39 -1.77 6.23
CA ARG A 17 1.06 -1.57 6.56
C ARG A 17 1.54 -0.14 6.24
N SER A 18 1.00 0.37 5.15
CA SER A 18 1.25 1.73 4.57
C SER A 18 1.43 1.48 3.09
N CYS A 19 1.75 2.52 2.37
CA CYS A 19 1.96 2.38 0.91
C CYS A 19 3.45 2.46 0.68
N ASN A 20 3.88 2.06 -0.48
CA ASN A 20 5.31 2.09 -0.84
C ASN A 20 5.48 3.04 -1.99
N TYR A 22 7.58 3.87 -3.75
CA TYR A 22 8.62 3.60 -4.78
C TYR A 22 8.35 2.37 -5.63
N THR A 23 7.25 1.77 -5.32
CA THR A 23 6.82 0.56 -6.05
C THR A 23 5.35 0.83 -6.33
N LYS A 24 4.76 1.45 -5.35
CA LYS A 24 3.32 1.85 -5.33
C LYS A 24 2.64 0.57 -4.89
N ARG A 25 3.33 -0.09 -3.99
CA ARG A 25 2.83 -1.36 -3.43
C ARG A 25 2.64 -1.03 -1.97
N CYS A 26 1.84 -1.77 -1.27
CA CYS A 26 1.66 -1.43 0.16
C CYS A 26 3.08 -1.69 0.73
N TYR A 27 3.46 -0.94 1.73
CA TYR A 27 4.82 -1.13 2.32
C TYR A 27 5.00 -2.53 2.87
N CYS A 1 -8.57 -3.86 3.86
CA CYS A 1 -7.19 -3.36 3.60
C CYS A 1 -6.42 -4.41 2.79
N LYS A 2 -5.19 -4.07 2.53
CA LYS A 2 -4.27 -4.94 1.76
C LYS A 2 -2.89 -5.11 2.38
N SER A 3 -2.26 -6.23 2.10
CA SER A 3 -0.92 -6.52 2.63
C SER A 3 0.08 -6.00 1.58
N GLY A 5 2.84 -5.14 -1.25
CA GLY A 5 2.88 -5.67 -2.64
C GLY A 5 1.59 -5.31 -3.34
N SER A 6 0.57 -5.11 -2.54
CA SER A 6 -0.76 -4.73 -3.12
C SER A 6 -0.39 -3.38 -3.71
N SER A 7 -1.04 -2.91 -4.72
CA SER A 7 -0.63 -1.59 -5.30
C SER A 7 -1.39 -0.47 -4.62
N CYS A 8 -0.67 0.50 -4.13
CA CYS A 8 -1.31 1.66 -3.44
C CYS A 8 -1.01 3.03 -4.05
N SER A 9 -1.36 3.98 -3.24
CA SER A 9 -1.22 5.44 -3.46
C SER A 9 -0.64 5.78 -2.07
N THR A 11 -1.19 7.34 0.23
CA THR A 11 -2.24 7.29 1.29
C THR A 11 -3.55 6.58 0.84
N SER A 12 -3.52 5.48 0.12
CA SER A 12 -4.84 4.85 -0.26
C SER A 12 -5.74 4.52 0.94
N TYR A 13 -5.14 4.28 2.07
CA TYR A 13 -5.84 3.94 3.37
C TYR A 13 -6.40 2.54 3.20
N ASN A 14 -5.81 1.88 2.24
CA ASN A 14 -6.23 0.50 1.94
C ASN A 14 -5.12 -0.50 2.18
N CYS A 15 -4.05 -0.07 2.78
CA CYS A 15 -2.90 -0.98 3.05
C CYS A 15 -2.73 -1.20 4.52
N CYS A 16 -2.82 -2.43 4.97
CA CYS A 16 -2.63 -2.63 6.45
C CYS A 16 -1.18 -2.51 6.94
N ARG A 17 -0.40 -1.72 6.24
CA ARG A 17 1.04 -1.47 6.59
C ARG A 17 1.42 -0.02 6.27
N SER A 18 0.99 0.41 5.11
CA SER A 18 1.22 1.78 4.53
C SER A 18 1.49 1.54 3.03
N CYS A 19 1.82 2.57 2.30
CA CYS A 19 2.09 2.41 0.84
C CYS A 19 3.62 2.39 0.63
N ASN A 20 4.04 2.00 -0.53
CA ASN A 20 5.47 1.92 -0.90
C ASN A 20 5.69 2.90 -2.01
N TYR A 22 7.72 3.79 -3.78
CA TYR A 22 8.73 3.56 -4.86
C TYR A 22 8.44 2.35 -5.72
N THR A 23 7.30 1.83 -5.46
CA THR A 23 6.82 0.63 -6.20
C THR A 23 5.36 0.97 -6.45
N LYS A 24 4.81 1.50 -5.39
CA LYS A 24 3.39 1.95 -5.27
C LYS A 24 2.74 0.66 -4.83
N ARG A 25 3.38 0.01 -3.91
CA ARG A 25 2.88 -1.27 -3.35
C ARG A 25 2.62 -1.00 -1.90
N CYS A 26 1.83 -1.77 -1.24
CA CYS A 26 1.62 -1.48 0.18
C CYS A 26 3.04 -1.77 0.73
N TYR A 27 3.48 -0.97 1.66
CA TYR A 27 4.85 -1.14 2.24
C TYR A 27 5.03 -2.54 2.82
N CYS A 1 -8.08 -4.39 4.47
CA CYS A 1 -6.85 -3.67 4.06
C CYS A 1 -6.02 -4.57 3.13
N LYS A 2 -4.91 -4.04 2.68
CA LYS A 2 -4.02 -4.82 1.76
C LYS A 2 -2.65 -5.17 2.32
N SER A 3 -2.14 -6.24 1.81
CA SER A 3 -0.81 -6.76 2.20
C SER A 3 0.19 -6.10 1.24
N GLY A 5 2.66 -5.44 -1.65
CA GLY A 5 2.59 -5.93 -3.04
C GLY A 5 1.28 -5.50 -3.65
N SER A 6 0.34 -5.20 -2.79
CA SER A 6 -0.98 -4.75 -3.31
C SER A 6 -0.52 -3.38 -3.78
N SER A 7 -1.14 -2.82 -4.77
CA SER A 7 -0.68 -1.49 -5.25
C SER A 7 -1.40 -0.39 -4.53
N CYS A 8 -0.64 0.55 -4.05
CA CYS A 8 -1.23 1.70 -3.32
C CYS A 8 -1.10 3.05 -4.04
N SER A 9 -1.50 4.00 -3.25
CA SER A 9 -1.54 5.46 -3.53
C SER A 9 -0.87 5.92 -2.23
N THR A 11 -1.30 7.51 0.05
CA THR A 11 -2.27 7.38 1.16
C THR A 11 -3.54 6.68 0.64
N SER A 12 -3.38 5.52 0.03
CA SER A 12 -4.59 4.80 -0.49
C SER A 12 -5.60 4.62 0.63
N TYR A 13 -5.05 4.48 1.81
CA TYR A 13 -5.82 4.28 3.07
C TYR A 13 -6.37 2.89 2.93
N ASN A 14 -5.62 2.12 2.16
CA ASN A 14 -5.99 0.71 1.90
C ASN A 14 -4.88 -0.31 2.20
N CYS A 15 -3.82 0.06 2.86
CA CYS A 15 -2.76 -0.95 3.14
C CYS A 15 -2.80 -1.23 4.63
N CYS A 16 -2.62 -2.48 4.95
CA CYS A 16 -2.64 -2.88 6.39
C CYS A 16 -1.55 -2.20 7.22
N ARG A 17 -0.57 -1.69 6.52
CA ARG A 17 0.59 -1.00 7.19
C ARG A 17 0.87 0.41 6.67
N SER A 18 1.04 0.50 5.38
CA SER A 18 1.32 1.82 4.71
C SER A 18 1.58 1.58 3.20
N CYS A 19 1.84 2.64 2.47
CA CYS A 19 2.11 2.51 1.00
C CYS A 19 3.60 2.59 0.76
N ASN A 20 4.09 2.02 -0.32
CA ASN A 20 5.53 2.06 -0.62
C ASN A 20 5.73 2.94 -1.81
N TYR A 22 7.70 3.86 -3.65
CA TYR A 22 8.70 3.60 -4.73
C TYR A 22 8.41 2.39 -5.59
N THR A 23 7.30 1.83 -5.29
CA THR A 23 6.82 0.64 -6.03
C THR A 23 5.35 0.95 -6.23
N LYS A 24 4.82 1.51 -5.17
CA LYS A 24 3.42 1.94 -5.07
C LYS A 24 2.73 0.63 -4.76
N ARG A 25 3.37 -0.08 -3.88
CA ARG A 25 2.89 -1.40 -3.42
C ARG A 25 2.71 -1.12 -1.95
N CYS A 26 1.87 -1.85 -1.28
CA CYS A 26 1.71 -1.57 0.16
C CYS A 26 3.06 -1.99 0.74
N TYR A 27 3.45 -1.32 1.79
CA TYR A 27 4.75 -1.64 2.45
C TYR A 27 4.94 -3.12 2.73
N CYS A 1 -8.18 -4.64 4.40
CA CYS A 1 -6.97 -3.90 3.98
C CYS A 1 -6.12 -4.80 3.07
N LYS A 2 -5.06 -4.24 2.56
CA LYS A 2 -4.16 -5.01 1.66
C LYS A 2 -2.75 -5.19 2.19
N SER A 3 -2.10 -6.20 1.68
CA SER A 3 -0.72 -6.53 2.08
C SER A 3 0.31 -5.81 1.20
N GLY A 5 2.94 -5.07 -1.51
CA GLY A 5 2.89 -5.56 -2.91
C GLY A 5 1.58 -5.14 -3.53
N SER A 6 0.55 -5.12 -2.71
CA SER A 6 -0.81 -4.71 -3.21
C SER A 6 -0.54 -3.32 -3.71
N SER A 7 -1.19 -2.87 -4.74
CA SER A 7 -0.89 -1.50 -5.24
C SER A 7 -1.64 -0.40 -4.51
N CYS A 8 -0.90 0.56 -4.07
CA CYS A 8 -1.50 1.71 -3.33
C CYS A 8 -1.28 3.08 -3.98
N SER A 9 -1.71 4.01 -3.19
CA SER A 9 -1.66 5.48 -3.44
C SER A 9 -0.92 5.80 -2.14
N THR A 11 -1.09 7.57 0.05
CA THR A 11 -2.13 7.71 1.10
C THR A 11 -3.44 7.05 0.60
N SER A 12 -3.39 5.79 0.22
CA SER A 12 -4.67 5.16 -0.25
C SER A 12 -5.55 4.89 0.98
N TYR A 13 -4.88 4.34 1.97
CA TYR A 13 -5.45 3.96 3.30
C TYR A 13 -6.05 2.57 3.09
N ASN A 14 -5.53 1.95 2.06
CA ASN A 14 -5.97 0.59 1.69
C ASN A 14 -4.92 -0.46 2.10
N CYS A 15 -3.83 -0.04 2.67
CA CYS A 15 -2.79 -1.04 3.07
C CYS A 15 -2.83 -1.30 4.57
N CYS A 16 -2.80 -2.55 4.91
CA CYS A 16 -2.84 -2.92 6.37
C CYS A 16 -1.76 -2.17 7.19
N ARG A 17 -0.78 -1.67 6.49
CA ARG A 17 0.35 -0.92 7.13
C ARG A 17 0.65 0.48 6.60
N SER A 18 0.94 0.54 5.32
CA SER A 18 1.29 1.81 4.60
C SER A 18 1.51 1.51 3.13
N CYS A 19 1.80 2.53 2.38
CA CYS A 19 2.05 2.37 0.92
C CYS A 19 3.55 2.49 0.72
N ASN A 20 4.03 1.99 -0.39
CA ASN A 20 5.46 2.05 -0.70
C ASN A 20 5.71 2.97 -1.88
N TYR A 22 7.81 3.64 -3.75
CA TYR A 22 8.77 3.27 -4.83
C TYR A 22 8.42 2.00 -5.57
N THR A 23 7.23 1.59 -5.29
CA THR A 23 6.68 0.36 -5.91
C THR A 23 5.23 0.73 -6.16
N LYS A 24 4.74 1.40 -5.15
CA LYS A 24 3.34 1.90 -5.08
C LYS A 24 2.59 0.66 -4.73
N ARG A 25 3.27 -0.08 -3.91
CA ARG A 25 2.75 -1.35 -3.41
C ARG A 25 2.69 -1.07 -1.94
N CYS A 26 1.84 -1.75 -1.25
CA CYS A 26 1.77 -1.51 0.19
C CYS A 26 3.19 -1.79 0.71
N TYR A 27 3.56 -1.10 1.75
CA TYR A 27 4.92 -1.30 2.31
C TYR A 27 5.09 -2.73 2.77
N CYS A 1 -8.19 -4.48 4.36
CA CYS A 1 -6.94 -3.79 3.94
C CYS A 1 -6.14 -4.72 3.03
N LYS A 2 -5.02 -4.22 2.59
CA LYS A 2 -4.13 -5.00 1.70
C LYS A 2 -2.72 -5.21 2.24
N SER A 3 -2.08 -6.22 1.75
CA SER A 3 -0.72 -6.55 2.17
C SER A 3 0.26 -5.81 1.27
N GLY A 5 2.97 -5.21 -1.60
CA GLY A 5 2.87 -5.66 -3.00
C GLY A 5 1.57 -5.17 -3.60
N SER A 6 0.55 -5.14 -2.77
CA SER A 6 -0.81 -4.68 -3.23
C SER A 6 -0.48 -3.30 -3.74
N SER A 7 -1.12 -2.82 -4.74
CA SER A 7 -0.76 -1.46 -5.23
C SER A 7 -1.52 -0.36 -4.55
N CYS A 8 -0.76 0.59 -4.08
CA CYS A 8 -1.36 1.74 -3.36
C CYS A 8 -1.15 3.11 -4.01
N SER A 9 -1.63 4.04 -3.25
CA SER A 9 -1.63 5.49 -3.49
C SER A 9 -0.93 5.90 -2.18
N THR A 11 -1.36 7.59 0.08
CA THR A 11 -2.37 7.56 1.17
C THR A 11 -3.60 6.76 0.71
N SER A 12 -3.44 5.59 0.10
CA SER A 12 -4.69 4.84 -0.32
C SER A 12 -5.65 4.70 0.84
N TYR A 13 -5.03 4.43 1.97
CA TYR A 13 -5.74 4.23 3.28
C TYR A 13 -6.34 2.82 3.12
N ASN A 14 -5.66 2.07 2.30
CA ASN A 14 -6.06 0.67 1.99
C ASN A 14 -5.00 -0.38 2.34
N CYS A 15 -3.83 0.05 2.77
CA CYS A 15 -2.80 -0.95 3.10
C CYS A 15 -2.83 -1.23 4.58
N CYS A 16 -2.75 -2.48 4.90
CA CYS A 16 -2.78 -2.92 6.33
C CYS A 16 -1.71 -2.21 7.18
N ARG A 17 -0.74 -1.67 6.49
CA ARG A 17 0.38 -0.96 7.16
C ARG A 17 0.64 0.48 6.66
N SER A 18 0.94 0.57 5.40
CA SER A 18 1.24 1.87 4.69
C SER A 18 1.56 1.53 3.23
N CYS A 19 1.86 2.54 2.45
CA CYS A 19 2.21 2.33 1.01
C CYS A 19 3.71 2.45 0.78
N ASN A 20 4.17 1.94 -0.34
CA ASN A 20 5.61 1.95 -0.71
C ASN A 20 5.80 2.84 -1.93
N TYR A 22 7.85 3.64 -3.79
CA TYR A 22 8.84 3.29 -4.86
C TYR A 22 8.42 2.13 -5.73
N THR A 23 7.30 1.60 -5.39
CA THR A 23 6.75 0.46 -6.17
C THR A 23 5.28 0.81 -6.31
N LYS A 24 4.82 1.43 -5.25
CA LYS A 24 3.43 1.90 -5.10
C LYS A 24 2.71 0.63 -4.75
N ARG A 25 3.38 -0.07 -3.89
CA ARG A 25 2.85 -1.35 -3.39
C ARG A 25 2.76 -1.08 -1.93
N CYS A 26 1.91 -1.77 -1.25
CA CYS A 26 1.82 -1.52 0.20
C CYS A 26 3.18 -1.90 0.79
N TYR A 27 3.54 -1.24 1.85
CA TYR A 27 4.86 -1.54 2.50
C TYR A 27 5.02 -3.04 2.78
N CYS A 1 -8.10 -4.78 4.52
CA CYS A 1 -6.97 -3.94 4.06
C CYS A 1 -6.07 -4.77 3.12
N LYS A 2 -5.03 -4.15 2.65
CA LYS A 2 -4.09 -4.85 1.72
C LYS A 2 -2.71 -5.13 2.29
N SER A 3 -2.13 -6.19 1.81
CA SER A 3 -0.79 -6.60 2.25
C SER A 3 0.21 -5.93 1.28
N GLY A 5 2.80 -5.31 -1.60
CA GLY A 5 2.74 -5.79 -3.00
C GLY A 5 1.41 -5.43 -3.60
N SER A 6 0.46 -5.19 -2.73
CA SER A 6 -0.88 -4.81 -3.24
C SER A 6 -0.50 -3.43 -3.77
N SER A 7 -1.18 -2.91 -4.74
CA SER A 7 -0.79 -1.58 -5.28
C SER A 7 -1.55 -0.50 -4.53
N CYS A 8 -0.82 0.47 -4.08
CA CYS A 8 -1.42 1.60 -3.32
C CYS A 8 -0.98 2.93 -3.90
N SER A 9 -1.06 3.89 -3.05
CA SER A 9 -0.70 5.30 -3.28
C SER A 9 -0.26 5.72 -1.89
N THR A 11 -1.01 7.35 0.26
CA THR A 11 -2.15 7.29 1.20
C THR A 11 -3.36 6.59 0.55
N SER A 12 -3.20 5.42 -0.04
CA SER A 12 -4.39 4.75 -0.65
C SER A 12 -5.50 4.67 0.41
N TYR A 13 -5.01 4.42 1.60
CA TYR A 13 -5.81 4.28 2.86
C TYR A 13 -6.39 2.88 2.76
N ASN A 14 -5.69 2.08 1.98
CA ASN A 14 -6.12 0.67 1.76
C ASN A 14 -5.03 -0.35 2.09
N CYS A 15 -4.01 0.03 2.83
CA CYS A 15 -2.94 -0.95 3.15
C CYS A 15 -2.99 -1.23 4.64
N CYS A 16 -2.58 -2.42 4.97
CA CYS A 16 -2.58 -2.82 6.42
C CYS A 16 -1.41 -2.21 7.20
N ARG A 17 -0.48 -1.65 6.46
CA ARG A 17 0.74 -1.01 7.07
C ARG A 17 0.96 0.44 6.68
N SER A 18 0.94 0.64 5.39
CA SER A 18 1.15 1.97 4.75
C SER A 18 1.48 1.63 3.29
N CYS A 19 1.82 2.62 2.52
CA CYS A 19 2.17 2.41 1.08
C CYS A 19 3.64 2.65 0.78
N ASN A 20 4.09 2.13 -0.33
CA ASN A 20 5.50 2.30 -0.74
C ASN A 20 5.61 3.19 -1.97
N TYR A 22 7.54 4.03 -3.93
CA TYR A 22 8.53 3.69 -5.00
C TYR A 22 8.25 2.41 -5.75
N THR A 23 7.17 1.82 -5.36
CA THR A 23 6.73 0.54 -5.99
C THR A 23 5.27 0.83 -6.21
N LYS A 24 4.73 1.50 -5.21
CA LYS A 24 3.32 1.92 -5.16
C LYS A 24 2.63 0.65 -4.77
N ARG A 25 3.31 -0.04 -3.91
CA ARG A 25 2.79 -1.32 -3.41
C ARG A 25 2.64 -1.03 -1.96
N CYS A 26 1.79 -1.75 -1.31
CA CYS A 26 1.64 -1.47 0.12
C CYS A 26 2.95 -1.90 0.74
N TYR A 27 3.23 -1.29 1.84
CA TYR A 27 4.49 -1.64 2.56
C TYR A 27 4.18 -3.06 3.07
N CYS A 1 -8.31 -4.37 4.31
CA CYS A 1 -7.06 -3.67 3.87
C CYS A 1 -6.24 -4.64 3.02
N LYS A 2 -5.09 -4.17 2.60
CA LYS A 2 -4.18 -4.98 1.77
C LYS A 2 -2.78 -5.09 2.37
N SER A 3 -2.19 -6.24 2.21
CA SER A 3 -0.84 -6.50 2.72
C SER A 3 0.11 -6.10 1.58
N GLY A 5 2.87 -5.22 -1.41
CA GLY A 5 2.86 -5.65 -2.82
C GLY A 5 1.60 -5.15 -3.50
N SER A 6 0.57 -5.10 -2.69
CA SER A 6 -0.78 -4.62 -3.16
C SER A 6 -0.43 -3.27 -3.71
N SER A 7 -1.07 -2.83 -4.72
CA SER A 7 -0.70 -1.50 -5.28
C SER A 7 -1.43 -0.38 -4.58
N CYS A 8 -0.67 0.57 -4.13
CA CYS A 8 -1.27 1.73 -3.41
C CYS A 8 -1.02 3.11 -4.03
N SER A 9 -1.52 4.04 -3.26
CA SER A 9 -1.49 5.50 -3.47
C SER A 9 -0.80 5.84 -2.14
N THR A 11 -1.14 7.38 0.17
CA THR A 11 -2.13 7.32 1.27
C THR A 11 -3.41 6.65 0.74
N SER A 12 -3.35 5.46 0.18
CA SER A 12 -4.64 4.85 -0.31
C SER A 12 -5.63 4.66 0.84
N TYR A 13 -5.08 4.30 1.96
CA TYR A 13 -5.81 4.04 3.26
C TYR A 13 -6.39 2.65 3.08
N ASN A 14 -5.75 1.93 2.18
CA ASN A 14 -6.16 0.53 1.88
C ASN A 14 -5.05 -0.47 2.19
N CYS A 15 -3.95 -0.01 2.74
CA CYS A 15 -2.82 -0.93 3.05
C CYS A 15 -2.77 -1.16 4.55
N CYS A 16 -2.83 -2.42 4.90
CA CYS A 16 -2.81 -2.85 6.34
C CYS A 16 -1.64 -2.24 7.14
N ARG A 17 -0.67 -1.74 6.43
CA ARG A 17 0.55 -1.13 7.07
C ARG A 17 0.91 0.29 6.58
N SER A 18 0.97 0.45 5.28
CA SER A 18 1.30 1.77 4.63
C SER A 18 1.57 1.47 3.15
N CYS A 19 2.01 2.46 2.44
CA CYS A 19 2.33 2.33 0.98
C CYS A 19 3.82 2.49 0.70
N ASN A 20 4.23 2.02 -0.44
CA ASN A 20 5.64 2.09 -0.86
C ASN A 20 5.77 3.03 -2.04
N TYR A 22 7.76 3.93 -3.89
CA TYR A 22 8.75 3.62 -4.96
C TYR A 22 8.42 2.40 -5.79
N THR A 23 7.29 1.88 -5.49
CA THR A 23 6.81 0.68 -6.23
C THR A 23 5.34 0.97 -6.43
N LYS A 24 4.82 1.53 -5.38
CA LYS A 24 3.39 1.94 -5.27
C LYS A 24 2.74 0.63 -4.88
N ARG A 25 3.41 -0.03 -3.98
CA ARG A 25 2.94 -1.33 -3.46
C ARG A 25 2.74 -1.02 -2.01
N CYS A 26 1.92 -1.76 -1.35
CA CYS A 26 1.72 -1.48 0.07
C CYS A 26 3.03 -1.94 0.70
N TYR A 27 3.36 -1.30 1.76
CA TYR A 27 4.60 -1.65 2.49
C TYR A 27 4.21 -2.99 3.14
N CYS A 1 -8.29 -4.43 4.30
CA CYS A 1 -7.04 -3.72 3.92
C CYS A 1 -6.21 -4.64 3.01
N LYS A 2 -5.07 -4.16 2.59
CA LYS A 2 -4.18 -4.94 1.71
C LYS A 2 -2.77 -5.14 2.21
N SER A 3 -2.14 -6.16 1.69
CA SER A 3 -0.76 -6.52 2.05
C SER A 3 0.28 -5.83 1.15
N GLY A 5 2.77 -5.25 -1.52
CA GLY A 5 2.75 -5.77 -2.92
C GLY A 5 1.41 -5.43 -3.53
N SER A 6 0.46 -5.16 -2.69
CA SER A 6 -0.89 -4.79 -3.21
C SER A 6 -0.50 -3.41 -3.74
N SER A 7 -1.14 -2.89 -4.73
CA SER A 7 -0.75 -1.56 -5.27
C SER A 7 -1.49 -0.42 -4.58
N CYS A 8 -0.74 0.55 -4.13
CA CYS A 8 -1.37 1.72 -3.44
C CYS A 8 -1.02 3.08 -4.04
N SER A 9 -1.49 4.06 -3.33
CA SER A 9 -1.31 5.51 -3.62
C SER A 9 -0.76 5.89 -2.24
N THR A 11 -1.32 7.44 0.06
CA THR A 11 -2.35 7.43 1.14
C THR A 11 -3.63 6.67 0.72
N SER A 12 -3.53 5.56 0.01
CA SER A 12 -4.80 4.84 -0.38
C SER A 12 -5.72 4.67 0.83
N TYR A 13 -5.09 4.41 1.94
CA TYR A 13 -5.74 4.19 3.27
C TYR A 13 -6.30 2.78 3.18
N ASN A 14 -5.67 2.03 2.31
CA ASN A 14 -6.08 0.62 2.09
C ASN A 14 -4.99 -0.42 2.35
N CYS A 15 -3.86 -0.02 2.85
CA CYS A 15 -2.77 -1.01 3.12
C CYS A 15 -2.77 -1.26 4.60
N CYS A 16 -2.85 -2.52 4.95
CA CYS A 16 -2.87 -2.91 6.40
C CYS A 16 -1.76 -2.24 7.25
N ARG A 17 -0.75 -1.79 6.55
CA ARG A 17 0.42 -1.12 7.20
C ARG A 17 0.77 0.28 6.73
N SER A 18 1.00 0.38 5.44
CA SER A 18 1.39 1.68 4.82
C SER A 18 1.61 1.44 3.32
N CYS A 19 1.98 2.47 2.61
CA CYS A 19 2.24 2.36 1.14
C CYS A 19 3.72 2.56 0.81
N ASN A 20 4.12 2.07 -0.34
CA ASN A 20 5.50 2.14 -0.84
C ASN A 20 5.66 3.08 -2.02
N TYR A 22 7.81 3.77 -3.84
CA TYR A 22 8.79 3.39 -4.91
C TYR A 22 8.42 2.17 -5.68
N THR A 23 7.29 1.65 -5.32
CA THR A 23 6.79 0.44 -6.02
C THR A 23 5.34 0.75 -6.28
N LYS A 24 4.81 1.43 -5.30
CA LYS A 24 3.39 1.90 -5.27
C LYS A 24 2.68 0.63 -4.85
N ARG A 25 3.31 -0.04 -3.94
CA ARG A 25 2.79 -1.30 -3.39
C ARG A 25 2.63 -1.01 -1.93
N CYS A 26 1.82 -1.75 -1.25
CA CYS A 26 1.67 -1.46 0.20
C CYS A 26 3.09 -1.71 0.74
N TYR A 27 3.50 -1.06 1.80
CA TYR A 27 4.89 -1.30 2.29
C TYR A 27 5.10 -2.73 2.74
N CYS A 1 -8.27 -4.52 4.36
CA CYS A 1 -7.07 -3.77 3.93
C CYS A 1 -6.19 -4.67 3.04
N LYS A 2 -5.09 -4.13 2.62
CA LYS A 2 -4.13 -4.88 1.76
C LYS A 2 -2.76 -5.22 2.34
N SER A 3 -2.15 -6.15 1.68
CA SER A 3 -0.82 -6.68 2.00
C SER A 3 0.22 -5.86 1.23
N GLY A 5 2.81 -5.22 -1.46
CA GLY A 5 2.84 -5.77 -2.84
C GLY A 5 1.50 -5.47 -3.48
N SER A 6 0.51 -5.25 -2.66
CA SER A 6 -0.82 -4.92 -3.22
C SER A 6 -0.45 -3.53 -3.77
N SER A 7 -1.12 -3.00 -4.74
CA SER A 7 -0.74 -1.66 -5.28
C SER A 7 -1.46 -0.53 -4.55
N CYS A 8 -0.71 0.46 -4.14
CA CYS A 8 -1.32 1.63 -3.41
C CYS A 8 -1.01 2.98 -4.04
N SER A 9 -1.37 3.95 -3.26
CA SER A 9 -1.22 5.38 -3.52
C SER A 9 -0.59 5.78 -2.18
N THR A 11 -0.97 7.41 0.08
CA THR A 11 -1.95 7.37 1.19
C THR A 11 -3.27 6.68 0.78
N SER A 12 -3.27 5.57 0.07
CA SER A 12 -4.58 4.94 -0.30
C SER A 12 -5.62 4.85 0.83
N TYR A 13 -5.10 4.41 1.95
CA TYR A 13 -5.84 4.17 3.25
C TYR A 13 -6.39 2.75 3.08
N ASN A 14 -5.74 2.03 2.20
CA ASN A 14 -6.14 0.63 1.90
C ASN A 14 -5.04 -0.40 2.20
N CYS A 15 -3.97 0.01 2.86
CA CYS A 15 -2.88 -0.98 3.16
C CYS A 15 -2.86 -1.25 4.65
N CYS A 16 -2.77 -2.50 4.98
CA CYS A 16 -2.75 -2.88 6.44
C CYS A 16 -1.55 -2.30 7.23
N ARG A 17 -0.62 -1.71 6.52
CA ARG A 17 0.60 -1.10 7.14
C ARG A 17 0.87 0.35 6.67
N SER A 18 0.93 0.51 5.38
CA SER A 18 1.18 1.84 4.72
C SER A 18 1.45 1.50 3.24
N CYS A 19 1.86 2.47 2.48
CA CYS A 19 2.15 2.29 1.02
C CYS A 19 3.65 2.26 0.76
N ASN A 20 4.05 1.93 -0.44
CA ASN A 20 5.47 1.88 -0.82
C ASN A 20 5.66 2.88 -1.93
N TYR A 22 7.67 3.86 -3.69
CA TYR A 22 8.66 3.65 -4.79
C TYR A 22 8.41 2.45 -5.66
N THR A 23 7.26 1.91 -5.43
CA THR A 23 6.81 0.73 -6.20
C THR A 23 5.33 1.03 -6.42
N LYS A 24 4.76 1.53 -5.35
CA LYS A 24 3.33 1.93 -5.25
C LYS A 24 2.64 0.62 -4.89
N ARG A 25 3.26 -0.01 -3.94
CA ARG A 25 2.81 -1.31 -3.39
C ARG A 25 2.57 -1.01 -1.95
N CYS A 26 1.75 -1.75 -1.28
CA CYS A 26 1.55 -1.44 0.15
C CYS A 26 2.96 -1.70 0.70
N TYR A 27 3.38 -0.94 1.67
CA TYR A 27 4.75 -1.12 2.25
C TYR A 27 4.98 -2.54 2.70
N CYS A 1 -8.45 -4.40 4.22
CA CYS A 1 -7.22 -3.68 3.77
C CYS A 1 -6.36 -4.61 2.91
N LYS A 2 -5.21 -4.14 2.53
CA LYS A 2 -4.26 -4.92 1.69
C LYS A 2 -2.86 -5.05 2.25
N SER A 3 -2.21 -6.12 1.90
CA SER A 3 -0.84 -6.36 2.38
C SER A 3 0.16 -5.78 1.38
N GLY A 5 2.85 -5.09 -1.43
CA GLY A 5 2.85 -5.62 -2.83
C GLY A 5 1.55 -5.23 -3.51
N SER A 6 0.52 -5.11 -2.69
CA SER A 6 -0.82 -4.72 -3.22
C SER A 6 -0.48 -3.35 -3.75
N SER A 7 -1.13 -2.86 -4.76
CA SER A 7 -0.75 -1.51 -5.28
C SER A 7 -1.50 -0.42 -4.55
N CYS A 8 -0.76 0.58 -4.15
CA CYS A 8 -1.41 1.71 -3.41
C CYS A 8 -1.16 3.11 -3.98
N SER A 9 -1.71 4.00 -3.22
CA SER A 9 -1.68 5.47 -3.42
C SER A 9 -0.97 5.84 -2.11
N THR A 11 -1.32 7.48 0.17
CA THR A 11 -2.33 7.45 1.25
C THR A 11 -3.60 6.68 0.83
N SER A 12 -3.47 5.52 0.21
CA SER A 12 -4.73 4.79 -0.17
C SER A 12 -5.67 4.51 1.00
N TYR A 13 -5.11 4.30 2.17
CA TYR A 13 -5.90 4.00 3.42
C TYR A 13 -6.48 2.62 3.12
N ASN A 14 -5.74 1.94 2.28
CA ASN A 14 -6.09 0.58 1.82
C ASN A 14 -5.03 -0.44 2.21
N CYS A 15 -3.90 0.01 2.67
CA CYS A 15 -2.83 -0.95 3.04
C CYS A 15 -2.81 -1.15 4.54
N CYS A 16 -2.84 -2.39 4.92
CA CYS A 16 -2.82 -2.78 6.37
C CYS A 16 -1.55 -2.29 7.11
N ARG A 17 -0.62 -1.75 6.36
CA ARG A 17 0.67 -1.25 6.93
C ARG A 17 1.02 0.22 6.58
N SER A 18 1.01 0.45 5.29
CA SER A 18 1.30 1.77 4.63
C SER A 18 1.60 1.45 3.16
N CYS A 19 1.95 2.46 2.41
CA CYS A 19 2.26 2.27 0.95
C CYS A 19 3.77 2.36 0.74
N ASN A 20 4.24 1.97 -0.42
CA ASN A 20 5.68 2.02 -0.75
C ASN A 20 5.89 2.92 -1.95
N TYR A 22 7.91 3.70 -3.91
CA TYR A 22 8.84 3.39 -5.04
C TYR A 22 8.51 2.13 -5.80
N THR A 23 7.41 1.60 -5.42
CA THR A 23 6.88 0.36 -6.03
C THR A 23 5.41 0.72 -6.22
N LYS A 24 4.92 1.40 -5.21
CA LYS A 24 3.51 1.89 -5.15
C LYS A 24 2.75 0.63 -4.80
N ARG A 25 3.39 -0.08 -3.94
CA ARG A 25 2.84 -1.33 -3.45
C ARG A 25 2.78 -1.09 -1.96
N CYS A 26 1.89 -1.73 -1.28
CA CYS A 26 1.81 -1.52 0.18
C CYS A 26 3.21 -1.81 0.74
N TYR A 27 3.59 -1.05 1.72
CA TYR A 27 4.92 -1.22 2.35
C TYR A 27 5.16 -2.65 2.78
N CYS A 1 -8.25 -4.29 4.35
CA CYS A 1 -7.00 -3.60 3.94
C CYS A 1 -6.19 -4.54 3.02
N LYS A 2 -5.05 -4.06 2.61
CA LYS A 2 -4.15 -4.85 1.71
C LYS A 2 -2.79 -5.24 2.31
N SER A 3 -2.19 -6.22 1.70
CA SER A 3 -0.86 -6.71 2.15
C SER A 3 0.16 -5.88 1.35
N GLY A 5 2.80 -5.21 -1.42
CA GLY A 5 2.76 -5.75 -2.82
C GLY A 5 1.46 -5.35 -3.47
N SER A 6 0.43 -5.18 -2.66
CA SER A 6 -0.89 -4.77 -3.22
C SER A 6 -0.49 -3.40 -3.75
N SER A 7 -1.13 -2.89 -4.75
CA SER A 7 -0.69 -1.55 -5.26
C SER A 7 -1.45 -0.47 -4.54
N CYS A 8 -0.71 0.51 -4.09
CA CYS A 8 -1.33 1.65 -3.37
C CYS A 8 -1.10 3.01 -4.03
N SER A 9 -1.57 3.96 -3.27
CA SER A 9 -1.55 5.42 -3.53
C SER A 9 -0.84 5.80 -2.23
N THR A 11 -1.18 7.38 0.08
CA THR A 11 -2.18 7.32 1.18
C THR A 11 -3.49 6.64 0.69
N SER A 12 -3.42 5.49 0.06
CA SER A 12 -4.70 4.85 -0.39
C SER A 12 -5.66 4.74 0.78
N TYR A 13 -5.04 4.49 1.90
CA TYR A 13 -5.71 4.32 3.22
C TYR A 13 -6.31 2.92 3.07
N ASN A 14 -5.64 2.14 2.25
CA ASN A 14 -6.08 0.74 2.00
C ASN A 14 -5.00 -0.32 2.25
N CYS A 15 -3.92 0.02 2.89
CA CYS A 15 -2.86 -1.01 3.13
C CYS A 15 -2.86 -1.29 4.61
N CYS A 16 -2.74 -2.54 4.97
CA CYS A 16 -2.74 -2.88 6.43
C CYS A 16 -1.56 -2.28 7.20
N ARG A 17 -0.59 -1.79 6.47
CA ARG A 17 0.63 -1.17 7.08
C ARG A 17 0.92 0.26 6.61
N SER A 18 1.03 0.42 5.31
CA SER A 18 1.31 1.72 4.63
C SER A 18 1.56 1.44 3.13
N CYS A 19 1.77 2.48 2.38
CA CYS A 19 2.02 2.34 0.91
C CYS A 19 3.53 2.31 0.69
N ASN A 20 3.98 1.93 -0.47
CA ASN A 20 5.42 1.89 -0.79
C ASN A 20 5.68 2.89 -1.88
N TYR A 22 7.67 3.86 -3.68
CA TYR A 22 8.70 3.64 -4.75
C TYR A 22 8.44 2.46 -5.63
N THR A 23 7.33 1.87 -5.35
CA THR A 23 6.87 0.68 -6.11
C THR A 23 5.40 1.00 -6.35
N LYS A 24 4.85 1.50 -5.28
CA LYS A 24 3.42 1.93 -5.16
C LYS A 24 2.71 0.64 -4.84
N ARG A 25 3.34 -0.08 -3.96
CA ARG A 25 2.86 -1.39 -3.45
C ARG A 25 2.65 -1.09 -1.99
N CYS A 26 1.86 -1.83 -1.29
CA CYS A 26 1.74 -1.48 0.15
C CYS A 26 3.18 -1.80 0.68
N TYR A 27 3.68 -1.06 1.65
CA TYR A 27 5.06 -1.34 2.17
C TYR A 27 5.19 -2.75 2.70
N CYS A 1 -8.18 -4.43 4.32
CA CYS A 1 -6.95 -3.72 3.90
C CYS A 1 -6.11 -4.66 3.01
N LYS A 2 -4.99 -4.16 2.60
CA LYS A 2 -4.06 -4.95 1.75
C LYS A 2 -2.69 -5.25 2.35
N SER A 3 -2.10 -6.29 1.82
CA SER A 3 -0.77 -6.72 2.27
C SER A 3 0.20 -5.97 1.35
N GLY A 5 2.79 -5.32 -1.51
CA GLY A 5 2.72 -5.82 -2.91
C GLY A 5 1.39 -5.50 -3.53
N SER A 6 0.45 -5.13 -2.69
CA SER A 6 -0.88 -4.77 -3.24
C SER A 6 -0.49 -3.38 -3.76
N SER A 7 -1.15 -2.85 -4.73
CA SER A 7 -0.76 -1.51 -5.25
C SER A 7 -1.47 -0.36 -4.55
N CYS A 8 -0.70 0.58 -4.10
CA CYS A 8 -1.28 1.76 -3.39
C CYS A 8 -1.09 3.13 -4.08
N SER A 9 -1.55 4.08 -3.33
CA SER A 9 -1.57 5.55 -3.58
C SER A 9 -0.86 5.95 -2.27
N THR A 11 -1.22 7.47 0.07
CA THR A 11 -2.18 7.36 1.19
C THR A 11 -3.48 6.67 0.74
N SER A 12 -3.40 5.58 0.02
CA SER A 12 -4.66 4.88 -0.43
C SER A 12 -5.65 4.70 0.72
N TYR A 13 -5.04 4.47 1.86
CA TYR A 13 -5.76 4.24 3.15
C TYR A 13 -6.29 2.83 3.00
N ASN A 14 -5.58 2.09 2.15
CA ASN A 14 -5.95 0.68 1.86
C ASN A 14 -4.86 -0.34 2.19
N CYS A 15 -3.79 0.04 2.84
CA CYS A 15 -2.75 -0.99 3.15
C CYS A 15 -2.78 -1.23 4.64
N CYS A 16 -2.68 -2.47 4.99
CA CYS A 16 -2.71 -2.85 6.44
C CYS A 16 -1.56 -2.22 7.24
N ARG A 17 -0.57 -1.77 6.51
CA ARG A 17 0.64 -1.14 7.12
C ARG A 17 0.86 0.33 6.69
N SER A 18 1.07 0.49 5.41
CA SER A 18 1.33 1.81 4.73
C SER A 18 1.55 1.51 3.24
N CYS A 19 1.85 2.52 2.48
CA CYS A 19 2.09 2.35 1.02
C CYS A 19 3.60 2.34 0.79
N ASN A 20 4.02 1.95 -0.38
CA ASN A 20 5.45 1.88 -0.76
C ASN A 20 5.68 2.86 -1.87
N TYR A 22 7.74 3.77 -3.64
CA TYR A 22 8.74 3.53 -4.73
C TYR A 22 8.41 2.35 -5.62
N THR A 23 7.30 1.77 -5.31
CA THR A 23 6.82 0.61 -6.08
C THR A 23 5.35 0.93 -6.33
N LYS A 24 4.81 1.51 -5.27
CA LYS A 24 3.40 1.95 -5.17
C LYS A 24 2.69 0.66 -4.82
N ARG A 25 3.33 -0.01 -3.90
CA ARG A 25 2.83 -1.29 -3.38
C ARG A 25 2.60 -1.04 -1.92
N CYS A 26 1.80 -1.81 -1.28
CA CYS A 26 1.62 -1.55 0.16
C CYS A 26 3.02 -1.87 0.68
N TYR A 27 3.45 -1.14 1.68
CA TYR A 27 4.80 -1.36 2.26
C TYR A 27 5.01 -2.80 2.66
N CYS A 1 -8.62 -4.41 3.93
CA CYS A 1 -7.36 -3.69 3.61
C CYS A 1 -6.48 -4.61 2.76
N LYS A 2 -5.31 -4.13 2.49
CA LYS A 2 -4.33 -4.90 1.67
C LYS A 2 -2.97 -5.02 2.28
N SER A 3 -2.30 -6.07 1.88
CA SER A 3 -0.95 -6.39 2.35
C SER A 3 0.06 -5.73 1.42
N GLY A 5 2.89 -5.08 -1.27
CA GLY A 5 2.88 -5.63 -2.66
C GLY A 5 1.58 -5.26 -3.32
N SER A 6 0.54 -5.12 -2.53
CA SER A 6 -0.78 -4.74 -3.11
C SER A 6 -0.42 -3.39 -3.68
N SER A 7 -1.05 -2.93 -4.70
CA SER A 7 -0.68 -1.61 -5.26
C SER A 7 -1.43 -0.50 -4.55
N CYS A 8 -0.70 0.48 -4.11
CA CYS A 8 -1.36 1.61 -3.40
C CYS A 8 -1.17 3.01 -4.01
N SER A 9 -1.63 3.92 -3.20
CA SER A 9 -1.63 5.38 -3.40
C SER A 9 -0.87 5.72 -2.10
N THR A 11 -1.19 7.36 0.20
CA THR A 11 -2.16 7.33 1.33
C THR A 11 -3.41 6.56 0.87
N SER A 12 -3.23 5.37 0.35
CA SER A 12 -4.40 4.57 -0.11
C SER A 12 -5.53 4.57 0.92
N TYR A 13 -5.07 4.27 2.10
CA TYR A 13 -5.90 4.16 3.34
C TYR A 13 -6.53 2.77 3.17
N ASN A 14 -5.85 1.99 2.37
CA ASN A 14 -6.28 0.60 2.04
C ASN A 14 -5.18 -0.41 2.35
N CYS A 15 -4.04 0.06 2.76
CA CYS A 15 -2.92 -0.86 3.08
C CYS A 15 -2.73 -1.12 4.56
N CYS A 16 -2.84 -2.35 4.97
CA CYS A 16 -2.65 -2.59 6.45
C CYS A 16 -1.17 -2.55 6.91
N ARG A 17 -0.40 -1.75 6.20
CA ARG A 17 1.07 -1.56 6.48
C ARG A 17 1.52 -0.11 6.14
N SER A 18 0.95 0.41 5.07
CA SER A 18 1.17 1.79 4.48
C SER A 18 1.47 1.57 2.99
N CYS A 19 1.86 2.59 2.30
CA CYS A 19 2.17 2.44 0.84
C CYS A 19 3.67 2.58 0.63
N ASN A 20 4.15 2.08 -0.48
CA ASN A 20 5.59 2.17 -0.78
C ASN A 20 5.80 3.06 -1.99
N TYR A 22 7.83 3.87 -3.87
CA TYR A 22 8.81 3.53 -4.96
C TYR A 22 8.50 2.27 -5.72
N THR A 23 7.36 1.75 -5.39
CA THR A 23 6.87 0.51 -6.05
C THR A 23 5.40 0.79 -6.24
N LYS A 24 4.87 1.44 -5.24
CA LYS A 24 3.44 1.85 -5.17
C LYS A 24 2.76 0.57 -4.80
N ARG A 25 3.41 -0.08 -3.89
CA ARG A 25 2.90 -1.36 -3.38
C ARG A 25 2.74 -1.04 -1.92
N CYS A 26 1.89 -1.73 -1.24
CA CYS A 26 1.72 -1.44 0.19
C CYS A 26 3.09 -1.77 0.81
N TYR A 27 3.45 -1.02 1.81
CA TYR A 27 4.76 -1.25 2.48
C TYR A 27 4.94 -2.69 2.94
N CYS A 1 -8.42 -3.70 4.21
CA CYS A 1 -7.08 -3.21 3.80
C CYS A 1 -6.34 -4.32 3.01
N LYS A 2 -5.15 -4.00 2.60
CA LYS A 2 -4.30 -4.94 1.82
C LYS A 2 -2.91 -5.15 2.39
N SER A 3 -2.34 -6.26 2.05
CA SER A 3 -0.98 -6.58 2.55
C SER A 3 -0.06 -5.98 1.48
N GLY A 5 2.90 -5.17 -1.37
CA GLY A 5 2.96 -5.63 -2.80
C GLY A 5 1.69 -5.24 -3.53
N SER A 6 0.63 -5.14 -2.76
CA SER A 6 -0.70 -4.76 -3.31
C SER A 6 -0.35 -3.39 -3.84
N SER A 7 -1.03 -2.87 -4.81
CA SER A 7 -0.63 -1.52 -5.31
C SER A 7 -1.37 -0.46 -4.57
N CYS A 8 -0.67 0.54 -4.11
CA CYS A 8 -1.32 1.65 -3.36
C CYS A 8 -1.03 3.04 -3.91
N SER A 9 -1.63 3.95 -3.20
CA SER A 9 -1.56 5.41 -3.43
C SER A 9 -0.85 5.73 -2.09
N THR A 11 -1.23 7.36 0.17
CA THR A 11 -2.29 7.39 1.20
C THR A 11 -3.55 6.61 0.75
N SER A 12 -3.46 5.42 0.19
CA SER A 12 -4.74 4.73 -0.21
C SER A 12 -5.66 4.40 0.96
N TYR A 13 -5.08 4.18 2.10
CA TYR A 13 -5.83 3.83 3.36
C TYR A 13 -6.40 2.45 3.06
N ASN A 14 -5.67 1.81 2.17
CA ASN A 14 -6.05 0.44 1.74
C ASN A 14 -4.93 -0.54 2.03
N CYS A 15 -3.91 -0.09 2.72
CA CYS A 15 -2.77 -0.99 3.04
C CYS A 15 -2.70 -1.18 4.54
N CYS A 16 -2.83 -2.40 4.95
CA CYS A 16 -2.79 -2.74 6.41
C CYS A 16 -1.54 -2.23 7.17
N ARG A 17 -0.59 -1.76 6.41
CA ARG A 17 0.71 -1.23 6.96
C ARG A 17 1.06 0.22 6.59
N SER A 18 0.98 0.49 5.31
CA SER A 18 1.28 1.82 4.68
C SER A 18 1.57 1.51 3.20
N CYS A 19 1.96 2.50 2.46
CA CYS A 19 2.27 2.33 1.00
C CYS A 19 3.78 2.38 0.69
N ASN A 20 4.17 1.98 -0.48
CA ASN A 20 5.60 2.00 -0.86
C ASN A 20 5.78 2.97 -2.00
N TYR A 22 7.81 3.82 -3.84
CA TYR A 22 8.79 3.52 -4.94
C TYR A 22 8.48 2.31 -5.77
N THR A 23 7.31 1.82 -5.51
CA THR A 23 6.79 0.63 -6.23
C THR A 23 5.33 0.96 -6.40
N LYS A 24 4.84 1.54 -5.32
CA LYS A 24 3.44 1.99 -5.17
C LYS A 24 2.74 0.69 -4.85
N ARG A 25 3.36 0.03 -3.92
CA ARG A 25 2.88 -1.27 -3.42
C ARG A 25 2.69 -1.03 -1.95
N CYS A 26 1.83 -1.74 -1.31
CA CYS A 26 1.66 -1.50 0.13
C CYS A 26 3.06 -1.82 0.69
N TYR A 27 3.48 -1.05 1.68
CA TYR A 27 4.82 -1.26 2.30
C TYR A 27 4.98 -2.67 2.81
N CYS A 1 -8.30 -4.42 4.16
CA CYS A 1 -7.05 -3.70 3.78
C CYS A 1 -6.20 -4.61 2.86
N LYS A 2 -5.08 -4.11 2.44
CA LYS A 2 -4.16 -4.88 1.54
C LYS A 2 -2.79 -5.14 2.13
N SER A 3 -2.17 -6.18 1.63
CA SER A 3 -0.84 -6.58 2.07
C SER A 3 0.20 -5.88 1.16
N GLY A 5 3.06 -5.09 -1.45
CA GLY A 5 3.10 -5.58 -2.86
C GLY A 5 1.79 -5.29 -3.54
N SER A 6 0.72 -5.25 -2.78
CA SER A 6 -0.60 -4.96 -3.42
C SER A 6 -0.33 -3.52 -3.83
N SER A 7 -0.99 -2.98 -4.79
CA SER A 7 -0.69 -1.58 -5.20
C SER A 7 -1.49 -0.49 -4.51
N CYS A 8 -0.78 0.52 -4.09
CA CYS A 8 -1.43 1.67 -3.39
C CYS A 8 -1.14 3.03 -4.02
N SER A 9 -1.59 3.97 -3.26
CA SER A 9 -1.51 5.44 -3.47
C SER A 9 -0.85 5.78 -2.11
N THR A 11 -1.26 7.42 0.19
CA THR A 11 -2.30 7.45 1.26
C THR A 11 -3.58 6.73 0.78
N SER A 12 -3.49 5.57 0.14
CA SER A 12 -4.77 4.92 -0.29
C SER A 12 -5.70 4.77 0.90
N TYR A 13 -5.04 4.52 2.01
CA TYR A 13 -5.68 4.33 3.34
C TYR A 13 -6.28 2.92 3.23
N ASN A 14 -5.65 2.17 2.36
CA ASN A 14 -6.07 0.77 2.11
C ASN A 14 -5.01 -0.30 2.39
N CYS A 15 -3.84 0.08 2.84
CA CYS A 15 -2.82 -0.97 3.11
C CYS A 15 -2.83 -1.27 4.59
N CYS A 16 -2.86 -2.52 4.90
CA CYS A 16 -2.87 -2.93 6.36
C CYS A 16 -1.73 -2.32 7.19
N ARG A 17 -0.74 -1.84 6.47
CA ARG A 17 0.47 -1.22 7.06
C ARG A 17 0.68 0.27 6.71
N SER A 18 0.98 0.49 5.45
CA SER A 18 1.24 1.83 4.82
C SER A 18 1.56 1.53 3.33
N CYS A 19 1.85 2.55 2.57
CA CYS A 19 2.17 2.38 1.11
C CYS A 19 3.65 2.64 0.80
N ASN A 20 4.09 2.15 -0.34
CA ASN A 20 5.47 2.30 -0.78
C ASN A 20 5.59 3.18 -2.04
N TYR A 22 7.79 3.73 -4.03
CA TYR A 22 8.71 3.27 -5.12
C TYR A 22 8.26 2.03 -5.84
N THR A 23 7.22 1.47 -5.33
CA THR A 23 6.66 0.24 -5.93
C THR A 23 5.22 0.60 -6.15
N LYS A 24 4.76 1.38 -5.21
CA LYS A 24 3.37 1.90 -5.16
C LYS A 24 2.65 0.64 -4.77
N ARG A 25 3.29 -0.01 -3.86
CA ARG A 25 2.80 -1.25 -3.29
C ARG A 25 2.67 -0.99 -1.84
N CYS A 26 1.85 -1.74 -1.19
CA CYS A 26 1.72 -1.53 0.25
C CYS A 26 3.13 -1.85 0.75
N TYR A 27 3.52 -1.15 1.78
CA TYR A 27 4.88 -1.35 2.36
C TYR A 27 5.03 -2.77 2.89
N CYS A 1 -8.24 -4.63 4.36
CA CYS A 1 -7.08 -3.85 3.89
C CYS A 1 -6.20 -4.73 3.00
N LYS A 2 -5.12 -4.16 2.54
CA LYS A 2 -4.17 -4.90 1.67
C LYS A 2 -2.83 -5.16 2.32
N SER A 3 -2.19 -6.17 1.84
CA SER A 3 -0.88 -6.56 2.35
C SER A 3 0.08 -5.75 1.44
N GLY A 5 2.88 -5.21 -1.45
CA GLY A 5 2.80 -5.73 -2.85
C GLY A 5 1.50 -5.29 -3.52
N SER A 6 0.47 -5.18 -2.73
CA SER A 6 -0.86 -4.75 -3.26
C SER A 6 -0.52 -3.38 -3.79
N SER A 7 -1.21 -2.85 -4.75
CA SER A 7 -0.82 -1.51 -5.27
C SER A 7 -1.53 -0.40 -4.52
N CYS A 8 -0.75 0.56 -4.12
CA CYS A 8 -1.31 1.71 -3.36
C CYS A 8 -1.07 3.08 -3.98
N SER A 9 -1.56 4.01 -3.23
CA SER A 9 -1.51 5.48 -3.47
C SER A 9 -0.78 5.84 -2.16
N THR A 11 -1.30 7.49 0.08
CA THR A 11 -2.33 7.45 1.15
C THR A 11 -3.56 6.65 0.68
N SER A 12 -3.39 5.49 0.07
CA SER A 12 -4.62 4.74 -0.37
C SER A 12 -5.59 4.49 0.79
N TYR A 13 -5.01 4.38 1.97
CA TYR A 13 -5.78 4.13 3.23
C TYR A 13 -6.35 2.74 3.03
N ASN A 14 -5.61 2.02 2.22
CA ASN A 14 -6.00 0.63 1.89
C ASN A 14 -4.91 -0.41 2.19
N CYS A 15 -3.85 0.01 2.83
CA CYS A 15 -2.77 -0.94 3.15
C CYS A 15 -2.74 -1.15 4.64
N CYS A 16 -2.79 -2.40 5.01
CA CYS A 16 -2.77 -2.78 6.46
C CYS A 16 -1.60 -2.15 7.24
N ARG A 17 -0.61 -1.70 6.52
CA ARG A 17 0.60 -1.08 7.13
C ARG A 17 0.90 0.37 6.64
N SER A 18 1.01 0.51 5.35
CA SER A 18 1.29 1.82 4.68
C SER A 18 1.56 1.44 3.21
N CYS A 19 2.00 2.41 2.46
CA CYS A 19 2.31 2.21 1.01
C CYS A 19 3.80 2.18 0.75
N ASN A 20 4.20 1.82 -0.45
CA ASN A 20 5.62 1.77 -0.81
C ASN A 20 5.81 2.78 -1.91
N TYR A 22 7.76 3.81 -3.72
CA TYR A 22 8.74 3.64 -4.85
C TYR A 22 8.50 2.43 -5.69
N THR A 23 7.36 1.89 -5.47
CA THR A 23 6.91 0.69 -6.20
C THR A 23 5.43 0.99 -6.39
N LYS A 24 4.87 1.46 -5.30
CA LYS A 24 3.45 1.87 -5.16
C LYS A 24 2.72 0.59 -4.84
N ARG A 25 3.37 -0.12 -3.97
CA ARG A 25 2.83 -1.42 -3.49
C ARG A 25 2.67 -1.10 -2.03
N CYS A 26 1.80 -1.78 -1.34
CA CYS A 26 1.65 -1.48 0.09
C CYS A 26 3.05 -1.77 0.65
N TYR A 27 3.45 -1.03 1.64
CA TYR A 27 4.79 -1.23 2.25
C TYR A 27 4.99 -2.66 2.70
N CYS A 1 -8.68 -4.03 3.88
CA CYS A 1 -7.34 -3.45 3.60
C CYS A 1 -6.53 -4.47 2.79
N LYS A 2 -5.31 -4.10 2.53
CA LYS A 2 -4.37 -4.95 1.77
C LYS A 2 -2.97 -5.03 2.33
N SER A 3 -2.31 -6.09 1.98
CA SER A 3 -0.94 -6.39 2.41
C SER A 3 0.07 -5.82 1.40
N GLY A 5 2.85 -5.23 -1.38
CA GLY A 5 2.86 -5.78 -2.77
C GLY A 5 1.54 -5.45 -3.42
N SER A 6 0.55 -5.21 -2.61
CA SER A 6 -0.78 -4.84 -3.17
C SER A 6 -0.42 -3.44 -3.66
N SER A 7 -1.10 -2.91 -4.60
CA SER A 7 -0.73 -1.55 -5.11
C SER A 7 -1.40 -0.41 -4.34
N CYS A 8 -0.61 0.55 -3.96
CA CYS A 8 -1.15 1.71 -3.20
C CYS A 8 -1.01 3.06 -3.92
N SER A 9 -1.43 4.02 -3.15
CA SER A 9 -1.48 5.47 -3.39
C SER A 9 -0.80 5.86 -2.06
N THR A 11 -1.28 7.39 0.24
CA THR A 11 -2.29 7.30 1.32
C THR A 11 -3.54 6.55 0.81
N SER A 12 -3.40 5.36 0.30
CA SER A 12 -4.64 4.64 -0.18
C SER A 12 -5.61 4.41 0.97
N TYR A 13 -5.06 4.09 2.11
CA TYR A 13 -5.83 3.81 3.38
C TYR A 13 -6.43 2.43 3.16
N ASN A 14 -5.82 1.76 2.20
CA ASN A 14 -6.24 0.41 1.81
C ASN A 14 -5.11 -0.57 2.09
N CYS A 15 -4.02 -0.07 2.63
CA CYS A 15 -2.85 -0.95 2.93
C CYS A 15 -2.72 -1.12 4.42
N CYS A 16 -2.93 -2.30 4.92
CA CYS A 16 -2.79 -2.44 6.43
C CYS A 16 -1.38 -2.21 7.04
N ARG A 17 -0.53 -1.55 6.31
CA ARG A 17 0.86 -1.25 6.77
C ARG A 17 1.33 0.14 6.36
N SER A 18 1.03 0.48 5.13
CA SER A 18 1.38 1.81 4.48
C SER A 18 1.66 1.57 3.00
N CYS A 19 1.95 2.63 2.32
CA CYS A 19 2.26 2.58 0.86
C CYS A 19 3.77 2.64 0.64
N ASN A 20 4.23 2.08 -0.45
CA ASN A 20 5.66 2.05 -0.82
C ASN A 20 5.84 2.97 -1.99
N TYR A 22 7.76 3.88 -3.89
CA TYR A 22 8.72 3.58 -5.01
C TYR A 22 8.44 2.34 -5.79
N THR A 23 7.31 1.79 -5.46
CA THR A 23 6.82 0.56 -6.13
C THR A 23 5.35 0.87 -6.32
N LYS A 24 4.85 1.44 -5.25
CA LYS A 24 3.43 1.88 -5.11
C LYS A 24 2.72 0.61 -4.78
N ARG A 25 3.35 -0.04 -3.86
CA ARG A 25 2.88 -1.33 -3.33
C ARG A 25 2.68 -1.02 -1.88
N CYS A 26 1.88 -1.76 -1.21
CA CYS A 26 1.70 -1.48 0.22
C CYS A 26 3.13 -1.83 0.72
N TYR A 27 3.62 -1.15 1.72
CA TYR A 27 5.00 -1.45 2.21
C TYR A 27 5.10 -2.84 2.80
#